data_5F8J
#
_entry.id   5F8J
#
_cell.length_a   63.430
_cell.length_b   76.572
_cell.length_c   149.267
_cell.angle_alpha   90.000
_cell.angle_beta   90.000
_cell.angle_gamma   90.000
#
_symmetry.space_group_name_H-M   'P 21 21 21'
#
loop_
_entity.id
_entity.type
_entity.pdbx_description
1 polymer 'Genome polyprotein'
2 polymer 'RNA (35-MER)'
3 polymer "RNA (5'-R(*UP*GP*UP*UP*CP*GP*AP*CP*GP*AP*GP*AP*GP*AP*GP*AP*C)-3')"
4 non-polymer 'MAGNESIUM ION'
5 non-polymer 'ZINC ION'
6 non-polymer 'SULFATE ION'
7 non-polymer GLYCEROL
8 non-polymer 'PYROPHOSPHATE 2-'
9 water water
#
loop_
_entity_poly.entity_id
_entity_poly.type
_entity_poly.pdbx_seq_one_letter_code
_entity_poly.pdbx_strand_id
1 'polypeptide(L)'
;GEIQWVKPNKETGRLNINGPTRTKLEPSVFHDVFEGNKEPAVLHSKDPRLEVDFEQALFSKYVGNTLYEPDEYIKEAALH
YANQLKQLDIDTSQMSMEEACYGTENLEAIDLHTSAGYPYSALGIKKRDILDSTTRDVSKMKFYMDKYGLDLPYSTYVKD
ELRSIDKIKKGKSRLIEASSLNDSVYLRMTFGHLYETFHANPGTVTGSAVGCNPDTFWSKLPILLPGSLFAFDYSGYDAS
LSPVWFRALELVLREIGYSEEAVSLVEGINHTHHVYRNKTYCVLGGMPSGCSGTSIFNSMINNIIIRALLIKTFKGIDLD
ELNMVAYGDDVLASYPFPIDCLELARTGKEYGLTMTPADKSPCFNEVNWDNATFLKRGFLPDEQFPFLIHPTMPMKEIHE
SIRWTKDARNTQDHVRSLCLLAWHNGKQEYEKFVSAIRSVPVGKALAIPNYENLRRNWLELFHHHHHH
;
A
2 'polyribonucleotide' GGGAGAUGAAAGUCUCCAGGUCUCUCUCGUCGAAA B
3 'polyribonucleotide' UGUUCGACGAGAGAGAC C
#
loop_
_chem_comp.id
_chem_comp.type
_chem_comp.name
_chem_comp.formula
A RNA linking ADENOSINE-5'-MONOPHOSPHATE 'C10 H14 N5 O7 P'
C RNA linking CYTIDINE-5'-MONOPHOSPHATE 'C9 H14 N3 O8 P'
G RNA linking GUANOSINE-5'-MONOPHOSPHATE 'C10 H14 N5 O8 P'
GOL non-polymer GLYCEROL 'C3 H8 O3'
MG non-polymer 'MAGNESIUM ION' 'Mg 2'
POP non-polymer 'PYROPHOSPHATE 2-' 'H2 O7 P2 -2'
SO4 non-polymer 'SULFATE ION' 'O4 S -2'
U RNA linking URIDINE-5'-MONOPHOSPHATE 'C9 H13 N2 O9 P'
ZN non-polymer 'ZINC ION' 'Zn 2'
#
# COMPACT_ATOMS: atom_id res chain seq x y z
N GLY A 1 3.41 -16.25 4.90
CA GLY A 1 2.79 -16.01 6.19
C GLY A 1 1.84 -17.14 6.47
N GLU A 2 1.79 -17.55 7.74
CA GLU A 2 1.00 -18.71 8.15
C GLU A 2 0.47 -18.53 9.57
N ILE A 3 -0.82 -18.78 9.78
CA ILE A 3 -1.40 -18.69 11.11
C ILE A 3 -0.88 -19.85 11.98
N GLN A 4 -0.42 -19.52 13.17
CA GLN A 4 0.25 -20.52 14.01
C GLN A 4 -0.72 -21.20 14.97
N TRP A 5 -1.60 -20.42 15.56
CA TRP A 5 -2.58 -20.93 16.51
C TRP A 5 -3.67 -19.93 16.69
N VAL A 6 -4.85 -20.40 17.04
CA VAL A 6 -5.95 -19.53 17.35
C VAL A 6 -6.50 -19.91 18.71
N LYS A 7 -6.53 -18.95 19.63
CA LYS A 7 -7.05 -19.21 20.97
C LYS A 7 -8.19 -18.23 21.34
N PRO A 8 -9.21 -18.72 22.08
CA PRO A 8 -10.31 -17.86 22.55
C PRO A 8 -9.80 -16.73 23.44
N ASN A 9 -10.42 -15.55 23.37
CA ASN A 9 -9.94 -14.41 24.15
C ASN A 9 -9.99 -14.66 25.66
N LYS A 10 -10.81 -15.62 26.10
CA LYS A 10 -10.83 -16.02 27.50
C LYS A 10 -9.49 -16.64 27.90
N GLU A 11 -8.88 -17.34 26.95
CA GLU A 11 -7.65 -18.07 27.21
C GLU A 11 -6.39 -17.20 27.12
N THR A 12 -6.41 -16.16 26.27
CA THR A 12 -5.26 -15.26 26.17
C THR A 12 -5.44 -14.05 27.06
N GLY A 13 -6.67 -13.83 27.53
CA GLY A 13 -6.97 -12.67 28.34
C GLY A 13 -6.91 -11.36 27.54
N ARG A 14 -7.29 -11.43 26.28
CA ARG A 14 -7.31 -10.26 25.41
C ARG A 14 -8.73 -9.73 25.31
N LEU A 15 -8.86 -8.39 25.33
CA LEU A 15 -10.16 -7.74 25.13
C LEU A 15 -10.67 -8.01 23.73
N ASN A 16 -11.94 -8.34 23.61
CA ASN A 16 -12.55 -8.51 22.29
C ASN A 16 -12.38 -7.26 21.42
N ILE A 17 -12.30 -7.45 20.11
CA ILE A 17 -12.31 -6.33 19.18
C ILE A 17 -13.32 -6.64 18.08
N ASN A 18 -14.50 -6.02 18.22
CA ASN A 18 -15.52 -6.08 17.19
C ASN A 18 -15.51 -4.80 16.35
N GLY A 19 -15.67 -4.95 15.05
CA GLY A 19 -15.71 -3.82 14.15
C GLY A 19 -17.05 -3.86 13.44
N PRO A 20 -17.36 -2.79 12.70
CA PRO A 20 -18.69 -2.68 12.08
C PRO A 20 -18.95 -3.80 11.07
N THR A 21 -20.23 -4.05 10.77
CA THR A 21 -20.62 -5.08 9.82
C THR A 21 -21.52 -4.52 8.71
N ARG A 22 -21.88 -3.24 8.83
CA ARG A 22 -22.65 -2.55 7.80
C ARG A 22 -21.77 -1.53 7.09
N THR A 23 -21.85 -1.50 5.75
CA THR A 23 -21.03 -0.61 4.96
C THR A 23 -21.51 0.82 5.09
N LYS A 24 -20.60 1.78 4.90
CA LYS A 24 -20.95 3.20 4.90
C LYS A 24 -21.38 3.63 3.50
N LEU A 25 -21.20 2.73 2.54
CA LEU A 25 -21.50 3.02 1.14
C LEU A 25 -22.95 2.84 0.77
N GLU A 26 -23.50 3.87 0.14
CA GLU A 26 -24.82 3.85 -0.47
C GLU A 26 -24.68 4.29 -1.92
N PRO A 27 -25.56 3.80 -2.79
CA PRO A 27 -25.59 4.31 -4.17
C PRO A 27 -25.71 5.84 -4.17
N SER A 28 -25.05 6.51 -5.11
CA SER A 28 -25.05 7.96 -5.17
C SER A 28 -26.05 8.45 -6.22
N VAL A 29 -26.23 9.75 -6.32
CA VAL A 29 -27.13 10.30 -7.33
C VAL A 29 -26.67 9.94 -8.76
N PHE A 30 -25.43 9.48 -8.91
CA PHE A 30 -24.92 9.13 -10.24
C PHE A 30 -24.90 7.64 -10.54
N HIS A 31 -25.38 6.84 -9.60
CA HIS A 31 -25.37 5.37 -9.70
C HIS A 31 -25.91 4.81 -11.03
N ASP A 32 -27.04 5.37 -11.48
CA ASP A 32 -27.65 4.95 -12.74
C ASP A 32 -27.20 5.77 -13.95
N VAL A 33 -26.46 6.84 -13.71
CA VAL A 33 -25.94 7.64 -14.82
C VAL A 33 -24.77 6.92 -15.48
N PHE A 34 -23.97 6.20 -14.69
CA PHE A 34 -22.78 5.53 -15.20
C PHE A 34 -22.90 4.02 -14.99
N GLU A 35 -22.20 3.24 -15.83
CA GLU A 35 -22.12 1.79 -15.68
C GLU A 35 -21.05 1.44 -14.66
N GLY A 36 -21.22 0.31 -13.97
CA GLY A 36 -20.22 -0.13 -13.00
C GLY A 36 -20.52 -1.52 -12.48
N ASN A 37 -19.49 -2.25 -12.12
CA ASN A 37 -19.68 -3.63 -11.66
C ASN A 37 -19.41 -3.84 -10.18
N LYS A 38 -18.76 -2.87 -9.54
CA LYS A 38 -18.41 -3.01 -8.13
C LYS A 38 -19.56 -2.72 -7.17
N GLU A 39 -19.49 -3.35 -5.99
CA GLU A 39 -20.40 -3.12 -4.87
C GLU A 39 -19.57 -3.09 -3.60
N PRO A 40 -20.18 -2.74 -2.45
CA PRO A 40 -19.33 -2.78 -1.24
C PRO A 40 -18.83 -4.20 -0.91
N ALA A 41 -17.72 -4.29 -0.18
CA ALA A 41 -17.17 -5.59 0.15
C ALA A 41 -18.05 -6.27 1.18
N VAL A 42 -17.99 -7.61 1.21
CA VAL A 42 -18.65 -8.37 2.27
C VAL A 42 -18.01 -8.04 3.63
N LEU A 43 -18.85 -7.60 4.57
CA LEU A 43 -18.39 -7.24 5.91
C LEU A 43 -18.92 -8.21 6.98
N HIS A 44 -19.93 -8.98 6.61
CA HIS A 44 -20.61 -9.86 7.56
C HIS A 44 -20.73 -11.28 6.98
N SER A 45 -20.61 -12.29 7.83
CA SER A 45 -20.65 -13.68 7.35
C SER A 45 -22.02 -14.15 6.85
N LYS A 46 -23.08 -13.39 7.16
CA LYS A 46 -24.42 -13.72 6.69
C LYS A 46 -24.86 -12.75 5.60
N ASP A 47 -23.96 -12.50 4.65
CA ASP A 47 -24.22 -11.59 3.54
C ASP A 47 -24.86 -12.38 2.40
N PRO A 48 -26.09 -12.01 2.01
CA PRO A 48 -26.84 -12.76 0.99
C PRO A 48 -26.06 -12.96 -0.32
N ARG A 49 -25.03 -12.15 -0.55
CA ARG A 49 -24.26 -12.22 -1.80
C ARG A 49 -23.12 -13.23 -1.75
N LEU A 50 -22.84 -13.74 -0.55
CA LEU A 50 -21.78 -14.74 -0.34
C LEU A 50 -22.07 -16.06 -1.05
N GLU A 51 -21.00 -16.72 -1.51
CA GLU A 51 -21.09 -18.04 -2.13
C GLU A 51 -20.09 -19.02 -1.51
N VAL A 52 -19.45 -18.59 -0.41
CA VAL A 52 -18.46 -19.39 0.32
C VAL A 52 -18.54 -19.04 1.80
N ASP A 53 -17.92 -19.87 2.66
CA ASP A 53 -17.80 -19.47 4.05
C ASP A 53 -16.98 -18.20 4.10
N PHE A 54 -17.51 -17.21 4.80
CA PHE A 54 -16.85 -15.90 4.87
C PHE A 54 -15.47 -16.00 5.51
N GLU A 55 -15.43 -16.38 6.78
CA GLU A 55 -14.20 -16.28 7.56
C GLU A 55 -13.07 -17.09 6.95
N GLN A 56 -13.44 -18.15 6.26
CA GLN A 56 -12.43 -18.99 5.64
C GLN A 56 -11.84 -18.30 4.40
N ALA A 57 -12.66 -17.61 3.64
CA ALA A 57 -12.17 -16.84 2.51
C ALA A 57 -11.25 -15.71 3.01
N LEU A 58 -11.68 -15.03 4.08
CA LEU A 58 -10.90 -13.95 4.69
C LEU A 58 -9.43 -14.32 4.96
N PHE A 59 -9.24 -15.47 5.60
CA PHE A 59 -7.91 -15.85 6.10
C PHE A 59 -7.21 -16.85 5.22
N SER A 60 -7.78 -17.12 4.05
CA SER A 60 -7.12 -17.99 3.08
C SER A 60 -5.85 -17.37 2.53
N LYS A 61 -5.70 -16.06 2.66
CA LYS A 61 -4.49 -15.42 2.15
C LYS A 61 -3.19 -15.87 2.86
N TYR A 62 -3.31 -16.43 4.07
CA TYR A 62 -2.12 -16.98 4.72
C TYR A 62 -1.85 -18.37 4.16
N VAL A 63 -1.15 -18.38 3.02
CA VAL A 63 -0.94 -19.58 2.20
C VAL A 63 0.15 -20.51 2.71
N GLY A 64 0.79 -20.14 3.81
CA GLY A 64 1.88 -20.92 4.34
C GLY A 64 3.23 -20.26 4.11
N ASN A 65 4.28 -20.91 4.61
CA ASN A 65 5.63 -20.40 4.48
C ASN A 65 6.53 -21.38 3.74
N THR A 66 7.56 -20.85 3.10
CA THR A 66 8.58 -21.64 2.47
C THR A 66 9.91 -21.45 3.21
N LEU A 67 10.69 -20.43 2.85
CA LEU A 67 12.01 -20.22 3.48
C LEU A 67 11.96 -19.34 4.73
N TYR A 68 12.83 -19.64 5.68
CA TYR A 68 12.88 -18.88 6.93
C TYR A 68 14.19 -18.10 7.03
N GLU A 69 15.22 -18.61 6.35
CA GLU A 69 16.52 -17.95 6.31
C GLU A 69 16.93 -17.70 4.86
N PRO A 70 17.69 -16.64 4.60
CA PRO A 70 18.06 -16.34 3.22
C PRO A 70 18.94 -17.41 2.55
N ASP A 71 18.67 -17.71 1.28
CA ASP A 71 19.63 -18.40 0.45
C ASP A 71 20.58 -17.39 -0.18
N GLU A 72 21.57 -17.90 -0.89
CA GLU A 72 22.64 -17.07 -1.39
C GLU A 72 22.13 -16.03 -2.38
N TYR A 73 21.04 -16.34 -3.08
CA TYR A 73 20.48 -15.38 -4.01
C TYR A 73 19.86 -14.19 -3.28
N ILE A 74 19.19 -14.47 -2.17
CA ILE A 74 18.51 -13.42 -1.43
C ILE A 74 19.54 -12.60 -0.65
N LYS A 75 20.62 -13.24 -0.18
CA LYS A 75 21.70 -12.51 0.48
C LYS A 75 22.36 -11.50 -0.45
N GLU A 76 22.67 -11.92 -1.67
CA GLU A 76 23.27 -11.03 -2.65
C GLU A 76 22.31 -9.89 -3.02
N ALA A 77 21.04 -10.23 -3.18
CA ALA A 77 20.00 -9.26 -3.48
C ALA A 77 19.91 -8.22 -2.36
N ALA A 78 19.76 -8.70 -1.13
CA ALA A 78 19.70 -7.82 0.04
C ALA A 78 20.86 -6.82 0.04
N LEU A 79 22.07 -7.34 -0.14
CA LEU A 79 23.28 -6.54 -0.11
C LEU A 79 23.41 -5.51 -1.22
N HIS A 80 22.97 -5.89 -2.41
CA HIS A 80 23.05 -4.98 -3.55
C HIS A 80 22.15 -3.78 -3.30
N TYR A 81 20.92 -4.07 -2.87
CA TYR A 81 19.97 -3.04 -2.52
C TYR A 81 20.50 -2.18 -1.36
N ALA A 82 21.09 -2.81 -0.36
CA ALA A 82 21.62 -2.04 0.77
C ALA A 82 22.71 -1.04 0.32
N ASN A 83 23.59 -1.48 -0.57
CA ASN A 83 24.61 -0.57 -1.11
C ASN A 83 23.98 0.60 -1.83
N GLN A 84 22.99 0.32 -2.65
CA GLN A 84 22.26 1.35 -3.36
C GLN A 84 21.77 2.43 -2.37
N LEU A 85 21.21 2.01 -1.25
CA LEU A 85 20.63 2.96 -0.31
C LEU A 85 21.67 3.84 0.40
N LYS A 86 22.92 3.39 0.45
CA LYS A 86 23.95 4.09 1.24
C LYS A 86 24.13 5.54 0.79
N GLN A 87 24.19 5.76 -0.53
CA GLN A 87 24.35 7.11 -1.04
C GLN A 87 23.30 8.08 -0.51
N LEU A 88 22.22 7.56 0.05
CA LEU A 88 21.17 8.39 0.60
C LEU A 88 21.56 8.96 1.96
N ASP A 89 22.56 8.35 2.58
CA ASP A 89 22.99 8.74 3.93
C ASP A 89 21.82 8.89 4.88
N ILE A 90 21.13 7.77 5.10
CA ILE A 90 20.00 7.73 6.01
C ILE A 90 20.51 7.88 7.44
N ASP A 91 19.90 8.82 8.14
CA ASP A 91 20.16 9.04 9.56
C ASP A 91 19.61 7.86 10.38
N THR A 92 20.47 6.96 10.84
CA THR A 92 19.98 5.79 11.57
C THR A 92 19.65 6.10 13.02
N SER A 93 20.01 7.29 13.47
CA SER A 93 19.72 7.68 14.84
C SER A 93 18.22 7.76 15.11
N GLN A 94 17.86 7.58 16.38
CA GLN A 94 16.47 7.58 16.81
C GLN A 94 15.80 8.93 16.64
N MET A 95 14.58 8.93 16.12
CA MET A 95 13.81 10.15 15.97
C MET A 95 13.18 10.47 17.32
N SER A 96 13.03 11.77 17.64
CA SER A 96 12.51 12.17 18.94
C SER A 96 11.04 11.79 19.03
N MET A 97 10.55 11.52 20.22
CA MET A 97 9.15 11.17 20.37
C MET A 97 8.23 12.31 19.90
N GLU A 98 8.67 13.56 20.10
CA GLU A 98 7.90 14.71 19.65
C GLU A 98 7.72 14.72 18.12
N GLU A 99 8.84 14.58 17.40
CA GLU A 99 8.80 14.53 15.93
C GLU A 99 8.10 13.29 15.40
N ALA A 100 8.20 12.19 16.14
CA ALA A 100 7.55 10.94 15.74
C ALA A 100 6.02 11.04 15.86
N CYS A 101 5.55 11.63 16.96
CA CYS A 101 4.11 11.82 17.14
C CYS A 101 3.54 12.95 16.28
N TYR A 102 4.23 14.09 16.23
CA TYR A 102 3.60 15.29 15.68
C TYR A 102 4.15 15.67 14.32
N GLY A 103 5.03 14.85 13.78
CA GLY A 103 5.46 15.01 12.41
C GLY A 103 6.66 15.91 12.16
N THR A 104 7.12 15.86 10.91
CA THR A 104 8.20 16.69 10.41
C THR A 104 7.82 17.12 9.00
N GLU A 105 8.77 17.76 8.32
CA GLU A 105 8.59 18.23 6.95
C GLU A 105 8.41 17.10 5.93
N ASN A 106 8.91 15.92 6.25
CA ASN A 106 8.87 14.79 5.33
C ASN A 106 8.20 13.58 5.94
N LEU A 107 7.47 13.83 7.02
CA LEU A 107 6.72 12.76 7.62
C LEU A 107 5.50 13.36 8.31
N GLU A 108 4.31 13.01 7.83
CA GLU A 108 3.08 13.49 8.43
C GLU A 108 3.00 13.06 9.88
N ALA A 109 2.15 13.74 10.65
CA ALA A 109 1.93 13.40 12.05
C ALA A 109 1.04 12.18 12.15
N ILE A 110 1.12 11.50 13.28
CA ILE A 110 0.24 10.39 13.56
C ILE A 110 -1.19 10.85 13.34
N ASP A 111 -1.93 10.06 12.58
CA ASP A 111 -3.30 10.39 12.25
C ASP A 111 -4.17 10.38 13.50
N LEU A 112 -4.63 11.55 13.92
CA LEU A 112 -5.48 11.64 15.11
C LEU A 112 -6.95 11.41 14.80
N HIS A 113 -7.26 11.20 13.51
CA HIS A 113 -8.64 10.95 13.06
C HIS A 113 -8.89 9.46 12.95
N THR A 114 -7.94 8.68 13.45
CA THR A 114 -7.92 7.23 13.31
C THR A 114 -7.76 6.50 14.65
N SER A 115 -8.28 5.27 14.74
CA SER A 115 -8.22 4.44 15.96
C SER A 115 -6.85 4.39 16.66
N ALA A 116 -6.86 4.16 17.97
CA ALA A 116 -5.62 4.08 18.72
C ALA A 116 -5.17 2.61 18.88
N GLY A 117 -6.01 1.69 18.39
CA GLY A 117 -5.72 0.29 18.46
C GLY A 117 -5.83 -0.27 19.87
N TYR A 118 -5.42 -1.52 20.03
CA TYR A 118 -5.41 -2.21 21.32
C TYR A 118 -4.42 -1.60 22.33
N PRO A 119 -4.84 -1.43 23.60
CA PRO A 119 -6.14 -1.75 24.21
C PRO A 119 -7.14 -0.60 24.17
N TYR A 120 -6.64 0.61 23.95
CA TYR A 120 -7.46 1.83 23.94
C TYR A 120 -8.81 1.70 23.23
N SER A 121 -8.85 0.93 22.16
CA SER A 121 -10.06 0.82 21.34
C SER A 121 -11.16 0.00 22.04
N ALA A 122 -10.81 -0.64 23.15
CA ALA A 122 -11.81 -1.29 23.97
C ALA A 122 -11.97 -0.51 25.26
N LEU A 123 -10.97 0.29 25.58
CA LEU A 123 -11.01 1.14 26.76
C LEU A 123 -11.66 2.50 26.48
N GLY A 124 -12.24 2.64 25.29
CA GLY A 124 -12.84 3.90 24.87
C GLY A 124 -11.88 5.08 24.94
N ILE A 125 -10.61 4.86 24.64
CA ILE A 125 -9.65 5.94 24.56
C ILE A 125 -9.35 6.28 23.11
N LYS A 126 -9.29 7.56 22.81
CA LYS A 126 -8.99 8.05 21.48
C LYS A 126 -7.55 8.51 21.48
N LYS A 127 -6.95 8.70 20.29
CA LYS A 127 -5.62 9.26 20.20
C LYS A 127 -5.61 10.68 20.74
N ARG A 128 -6.75 11.35 20.58
CA ARG A 128 -6.85 12.76 21.00
C ARG A 128 -6.94 12.92 22.52
N ASP A 129 -7.22 11.83 23.23
CA ASP A 129 -7.11 11.86 24.69
C ASP A 129 -5.67 11.72 25.16
N ILE A 130 -4.77 11.41 24.24
CA ILE A 130 -3.37 11.21 24.61
C ILE A 130 -2.43 12.17 23.91
N LEU A 131 -2.77 12.54 22.68
CA LEU A 131 -1.92 13.50 21.96
C LEU A 131 -2.67 14.78 21.64
N ASP A 132 -1.89 15.86 21.51
CA ASP A 132 -2.45 17.18 21.24
C ASP A 132 -1.56 17.96 20.31
N SER A 133 -2.10 18.32 19.15
CA SER A 133 -1.35 18.99 18.08
C SER A 133 -0.76 20.35 18.51
N THR A 134 -1.47 21.04 19.39
CA THR A 134 -1.11 22.39 19.86
C THR A 134 -0.06 22.40 20.98
N THR A 135 -0.24 21.58 22.01
CA THR A 135 0.80 21.41 23.03
C THR A 135 2.07 20.81 22.45
N ARG A 136 1.89 19.80 21.61
CA ARG A 136 2.93 18.86 21.23
C ARG A 136 3.42 18.15 22.50
N ASP A 137 2.48 17.96 23.42
CA ASP A 137 2.77 17.25 24.66
C ASP A 137 3.09 15.80 24.37
N VAL A 138 4.15 15.30 24.97
CA VAL A 138 4.61 13.97 24.65
C VAL A 138 4.59 13.05 25.89
N SER A 139 4.42 13.67 27.06
CA SER A 139 4.43 12.97 28.35
C SER A 139 3.23 12.04 28.63
N LYS A 140 2.06 12.34 28.07
CA LYS A 140 0.93 11.42 28.23
C LYS A 140 1.20 10.15 27.42
N MET A 141 1.96 10.28 26.33
CA MET A 141 2.44 9.12 25.59
C MET A 141 3.31 8.21 26.46
N LYS A 142 4.39 8.76 27.02
CA LYS A 142 5.34 7.97 27.82
C LYS A 142 4.72 7.29 29.01
N PHE A 143 3.73 7.93 29.62
CA PHE A 143 3.00 7.30 30.69
C PHE A 143 2.36 6.01 30.19
N TYR A 144 1.80 6.08 28.98
CA TYR A 144 1.14 4.91 28.41
C TYR A 144 2.12 3.93 27.79
N MET A 145 3.26 4.45 27.32
CA MET A 145 4.36 3.60 26.84
C MET A 145 4.80 2.65 27.93
N ASP A 146 4.84 3.13 29.16
CA ASP A 146 5.25 2.31 30.31
C ASP A 146 4.07 1.50 30.88
N LYS A 147 2.86 1.99 30.70
CA LYS A 147 1.70 1.28 31.20
C LYS A 147 1.47 0.00 30.42
N TYR A 148 1.29 0.14 29.10
CA TYR A 148 0.92 -0.99 28.26
C TYR A 148 2.09 -1.61 27.50
N GLY A 149 3.19 -0.87 27.46
CA GLY A 149 4.36 -1.35 26.78
C GLY A 149 4.12 -1.55 25.30
N LEU A 150 5.04 -2.28 24.69
CA LEU A 150 5.08 -2.45 23.26
C LEU A 150 4.55 -3.81 22.85
N ASP A 151 4.73 -4.11 21.57
CA ASP A 151 4.33 -5.40 20.99
C ASP A 151 2.92 -5.80 21.38
N LEU A 152 1.99 -4.84 21.31
CA LEU A 152 0.58 -5.08 21.60
C LEU A 152 -0.11 -5.67 20.38
N PRO A 153 -1.07 -6.57 20.58
CA PRO A 153 -1.76 -7.21 19.46
C PRO A 153 -2.35 -6.23 18.45
N TYR A 154 -2.39 -6.63 17.20
CA TYR A 154 -3.06 -5.87 16.15
C TYR A 154 -4.53 -6.23 16.22
N SER A 155 -5.38 -5.30 15.81
CA SER A 155 -6.81 -5.58 15.80
C SER A 155 -7.27 -5.79 14.36
N THR A 156 -7.78 -6.97 14.05
CA THR A 156 -8.17 -7.30 12.68
C THR A 156 -9.55 -6.73 12.34
N TYR A 157 -9.59 -5.85 11.34
CA TYR A 157 -10.85 -5.33 10.81
C TYR A 157 -10.99 -5.71 9.34
N VAL A 158 -12.23 -5.91 8.90
CA VAL A 158 -12.50 -6.05 7.48
C VAL A 158 -12.55 -4.65 6.89
N LYS A 159 -12.18 -4.48 5.62
CA LYS A 159 -12.12 -3.13 5.06
C LYS A 159 -13.35 -2.75 4.24
N ASP A 160 -14.03 -1.68 4.66
CA ASP A 160 -15.22 -1.17 4.00
C ASP A 160 -14.88 -0.38 2.72
N GLU A 161 -15.09 -1.00 1.56
CA GLU A 161 -14.68 -0.43 0.27
C GLU A 161 -15.39 -1.11 -0.90
N LEU A 162 -15.38 -0.49 -2.06
CA LEU A 162 -15.91 -1.14 -3.26
C LEU A 162 -14.99 -2.27 -3.73
N ARG A 163 -15.57 -3.40 -4.15
CA ARG A 163 -14.81 -4.51 -4.71
C ARG A 163 -15.53 -5.07 -5.92
N SER A 164 -14.79 -5.77 -6.78
CA SER A 164 -15.40 -6.38 -7.95
C SER A 164 -16.36 -7.45 -7.49
N ILE A 165 -17.33 -7.78 -8.33
CA ILE A 165 -18.40 -8.70 -7.94
C ILE A 165 -17.81 -10.05 -7.62
N ASP A 166 -16.86 -10.49 -8.44
CA ASP A 166 -16.19 -11.76 -8.20
C ASP A 166 -15.68 -11.91 -6.76
N LYS A 167 -15.10 -10.85 -6.21
CA LYS A 167 -14.46 -10.91 -4.91
C LYS A 167 -15.49 -10.83 -3.80
N ILE A 168 -16.72 -10.49 -4.17
CA ILE A 168 -17.81 -10.41 -3.22
C ILE A 168 -18.44 -11.79 -3.09
N LYS A 169 -18.59 -12.46 -4.24
CA LYS A 169 -19.11 -13.82 -4.29
C LYS A 169 -18.17 -14.74 -3.51
N LYS A 170 -16.88 -14.47 -3.62
CA LYS A 170 -15.85 -15.30 -3.00
C LYS A 170 -15.44 -14.81 -1.62
N GLY A 171 -16.25 -13.94 -1.01
CA GLY A 171 -15.97 -13.39 0.31
C GLY A 171 -14.55 -12.91 0.55
N LYS A 172 -13.89 -12.44 -0.50
CA LYS A 172 -12.47 -12.14 -0.39
C LYS A 172 -12.24 -10.66 -0.11
N SER A 173 -12.94 -10.16 0.92
CA SER A 173 -12.66 -8.83 1.48
C SER A 173 -11.22 -8.68 1.98
N ARG A 174 -10.79 -7.43 2.13
CA ARG A 174 -9.43 -7.18 2.59
C ARG A 174 -9.38 -7.02 4.10
N LEU A 175 -8.38 -7.62 4.71
CA LEU A 175 -8.16 -7.48 6.14
C LEU A 175 -7.09 -6.45 6.41
N ILE A 176 -7.35 -5.55 7.36
CA ILE A 176 -6.30 -4.64 7.81
C ILE A 176 -6.06 -4.84 9.30
N GLU A 177 -4.82 -4.61 9.73
CA GLU A 177 -4.40 -4.85 11.10
C GLU A 177 -4.16 -3.52 11.80
N ALA A 178 -5.12 -3.09 12.62
CA ALA A 178 -4.96 -1.84 13.36
C ALA A 178 -3.82 -1.95 14.37
N SER A 179 -2.81 -1.14 14.15
CA SER A 179 -1.68 -1.08 15.05
C SER A 179 -2.02 -0.35 16.33
N SER A 180 -1.64 -0.92 17.47
CA SER A 180 -1.60 -0.14 18.69
C SER A 180 -0.72 1.11 18.56
N LEU A 181 -1.27 2.24 18.98
CA LEU A 181 -0.59 3.54 18.96
C LEU A 181 0.82 3.52 19.54
N ASN A 182 1.04 2.66 20.53
CA ASN A 182 2.36 2.51 21.13
C ASN A 182 3.43 2.09 20.12
N ASP A 183 3.12 1.01 19.39
CA ASP A 183 4.04 0.41 18.42
C ASP A 183 4.31 1.33 17.24
N SER A 184 3.24 1.92 16.71
CA SER A 184 3.36 3.02 15.77
C SER A 184 4.34 4.09 16.29
N VAL A 185 4.23 4.48 17.56
CA VAL A 185 5.14 5.50 18.08
C VAL A 185 6.57 5.03 18.10
N TYR A 186 6.80 3.81 18.61
CA TYR A 186 8.15 3.27 18.73
C TYR A 186 8.82 2.95 17.39
N LEU A 187 8.03 2.53 16.40
CA LEU A 187 8.60 2.32 15.07
C LEU A 187 8.95 3.65 14.37
N ARG A 188 8.07 4.64 14.50
CA ARG A 188 8.35 5.96 13.94
C ARG A 188 9.58 6.57 14.62
N MET A 189 9.76 6.29 15.91
CA MET A 189 10.96 6.75 16.60
C MET A 189 12.18 6.01 16.08
N THR A 190 12.00 4.76 15.72
CA THR A 190 13.13 3.94 15.30
C THR A 190 13.49 4.20 13.83
N PHE A 191 12.50 4.43 12.97
CA PHE A 191 12.76 4.56 11.52
C PHE A 191 12.22 5.83 10.86
N GLY A 192 11.90 6.85 11.65
CA GLY A 192 11.37 8.08 11.11
C GLY A 192 12.23 8.77 10.06
N HIS A 193 13.54 8.79 10.27
CA HIS A 193 14.40 9.46 9.30
C HIS A 193 14.47 8.68 8.00
N LEU A 194 14.51 7.35 8.11
CA LEU A 194 14.40 6.48 6.93
C LEU A 194 13.10 6.81 6.21
N TYR A 195 11.99 6.87 6.96
CA TYR A 195 10.71 7.30 6.41
C TYR A 195 10.88 8.64 5.67
N GLU A 196 11.44 9.64 6.35
CA GLU A 196 11.67 10.96 5.73
C GLU A 196 12.43 10.84 4.41
N THR A 197 13.57 10.15 4.44
CA THR A 197 14.38 10.00 3.24
C THR A 197 13.59 9.36 2.11
N PHE A 198 12.91 8.25 2.41
CA PHE A 198 12.12 7.57 1.37
C PHE A 198 11.06 8.51 0.80
N HIS A 199 10.30 9.16 1.68
CA HIS A 199 9.29 10.12 1.22
C HIS A 199 9.82 11.26 0.37
N ALA A 200 11.03 11.72 0.66
CA ALA A 200 11.61 12.86 -0.05
C ALA A 200 12.27 12.43 -1.36
N ASN A 201 12.49 11.12 -1.50
CA ASN A 201 13.25 10.64 -2.66
C ASN A 201 12.62 9.50 -3.45
N PRO A 202 11.39 9.70 -3.94
CA PRO A 202 10.84 8.67 -4.82
C PRO A 202 11.72 8.53 -6.07
N GLY A 203 11.75 7.34 -6.65
CA GLY A 203 12.62 7.12 -7.78
C GLY A 203 13.43 5.86 -7.62
N THR A 204 14.48 5.74 -8.42
CA THR A 204 15.17 4.47 -8.56
C THR A 204 16.34 4.30 -7.61
N VAL A 205 16.57 5.28 -6.75
CA VAL A 205 17.61 5.15 -5.73
C VAL A 205 17.01 4.46 -4.52
N THR A 206 15.93 5.02 -3.98
CA THR A 206 15.14 4.29 -2.99
C THR A 206 14.48 3.03 -3.57
N GLY A 207 14.25 3.01 -4.88
CA GLY A 207 13.48 1.95 -5.49
C GLY A 207 12.01 2.05 -5.12
N SER A 208 11.59 3.22 -4.64
CA SER A 208 10.24 3.41 -4.12
C SER A 208 9.54 4.63 -4.71
N ALA A 209 8.21 4.54 -4.82
CA ALA A 209 7.38 5.61 -5.38
C ALA A 209 6.53 6.27 -4.29
N VAL A 210 6.76 5.87 -3.05
CA VAL A 210 6.09 6.50 -1.93
C VAL A 210 6.53 7.96 -1.88
N GLY A 211 5.56 8.86 -1.92
CA GLY A 211 5.82 10.28 -1.86
C GLY A 211 5.94 10.90 -3.25
N CYS A 212 5.65 10.12 -4.30
CA CYS A 212 5.62 10.65 -5.65
C CYS A 212 4.30 11.39 -5.88
N ASN A 213 4.29 12.33 -6.81
CA ASN A 213 3.06 12.94 -7.30
C ASN A 213 2.89 12.55 -8.76
N PRO A 214 1.94 11.64 -9.06
CA PRO A 214 1.75 11.06 -10.40
C PRO A 214 1.75 12.12 -11.51
N ASP A 215 1.21 13.30 -11.22
CA ASP A 215 1.18 14.39 -12.23
C ASP A 215 2.54 14.85 -12.75
N THR A 216 3.56 14.84 -11.89
CA THR A 216 4.88 15.25 -12.31
C THR A 216 5.83 14.07 -12.40
N PHE A 217 5.57 13.05 -11.57
CA PHE A 217 6.44 11.88 -11.50
C PHE A 217 6.41 11.11 -12.79
N TRP A 218 5.26 11.11 -13.42
CA TRP A 218 5.08 10.23 -14.54
C TRP A 218 5.92 10.60 -15.73
N SER A 219 6.27 11.88 -15.86
CA SER A 219 7.14 12.37 -16.92
C SER A 219 8.59 11.96 -16.72
N LYS A 220 8.96 11.67 -15.46
CA LYS A 220 10.30 11.19 -15.15
C LYS A 220 10.54 9.68 -15.33
N LEU A 221 9.50 8.87 -15.12
CA LEU A 221 9.67 7.43 -15.16
C LEU A 221 10.32 6.88 -16.44
N PRO A 222 9.92 7.38 -17.64
CA PRO A 222 10.59 6.88 -18.84
C PRO A 222 12.08 7.21 -18.85
N ILE A 223 12.47 8.31 -18.20
CA ILE A 223 13.89 8.64 -18.04
C ILE A 223 14.55 7.82 -16.95
N LEU A 224 13.89 7.62 -15.82
CA LEU A 224 14.44 6.75 -14.77
C LEU A 224 14.47 5.27 -15.17
N LEU A 225 13.54 4.83 -16.01
CA LEU A 225 13.46 3.41 -16.40
C LEU A 225 13.74 3.20 -17.88
N PRO A 226 14.99 3.44 -18.32
CA PRO A 226 15.32 3.23 -19.74
C PRO A 226 15.44 1.75 -20.07
N GLY A 227 15.24 1.36 -21.33
CA GLY A 227 15.43 -0.02 -21.74
C GLY A 227 14.15 -0.81 -21.89
N SER A 228 14.22 -2.13 -21.71
CA SER A 228 13.04 -3.01 -21.77
C SER A 228 12.23 -2.93 -20.48
N LEU A 229 10.93 -2.65 -20.60
CA LEU A 229 10.04 -2.56 -19.42
C LEU A 229 9.53 -3.91 -18.96
N PHE A 230 9.46 -4.10 -17.64
CA PHE A 230 8.65 -5.19 -17.13
C PHE A 230 7.90 -4.73 -15.88
N ALA A 231 6.83 -5.43 -15.54
CA ALA A 231 5.94 -5.04 -14.45
C ALA A 231 5.28 -6.23 -13.75
N PHE A 232 4.87 -6.01 -12.50
CA PHE A 232 4.22 -7.04 -11.71
C PHE A 232 3.16 -6.49 -10.78
N ASP A 233 2.18 -7.33 -10.51
CA ASP A 233 1.47 -7.19 -9.27
C ASP A 233 1.57 -8.55 -8.56
N TYR A 234 1.17 -8.59 -7.30
CA TYR A 234 1.16 -9.82 -6.56
C TYR A 234 -0.25 -10.06 -6.11
N SER A 235 -0.54 -11.31 -5.79
CA SER A 235 -1.83 -11.71 -5.24
C SER A 235 -1.63 -12.02 -3.77
N GLY A 236 -2.17 -11.16 -2.90
CA GLY A 236 -2.07 -11.36 -1.47
C GLY A 236 -0.66 -11.19 -0.98
N TYR A 237 -0.03 -10.13 -1.48
CA TYR A 237 1.37 -9.82 -1.18
C TYR A 237 1.72 -9.95 0.29
N ASP A 238 1.04 -9.17 1.13
CA ASP A 238 1.36 -9.09 2.54
C ASP A 238 1.40 -10.47 3.22
N ALA A 239 0.36 -11.28 3.01
CA ALA A 239 0.26 -12.55 3.69
C ALA A 239 1.13 -13.62 3.05
N SER A 240 1.64 -13.36 1.85
CA SER A 240 2.40 -14.38 1.13
C SER A 240 3.88 -14.26 1.39
N LEU A 241 4.28 -13.25 2.18
CA LEU A 241 5.69 -13.09 2.53
C LEU A 241 6.08 -14.12 3.59
N SER A 242 7.09 -14.94 3.27
CA SER A 242 7.66 -15.89 4.23
C SER A 242 8.70 -15.15 5.09
N PRO A 243 9.02 -15.71 6.28
CA PRO A 243 9.94 -15.00 7.19
C PRO A 243 11.31 -14.66 6.61
N VAL A 244 11.81 -15.45 5.66
CA VAL A 244 13.07 -15.12 4.99
C VAL A 244 13.16 -13.65 4.55
N TRP A 245 12.06 -13.08 4.06
CA TRP A 245 12.12 -11.73 3.53
C TRP A 245 12.28 -10.67 4.63
N PHE A 246 11.76 -10.97 5.81
CA PHE A 246 12.00 -10.10 6.96
C PHE A 246 13.43 -10.24 7.47
N ARG A 247 14.01 -11.43 7.27
CA ARG A 247 15.40 -11.64 7.58
C ARG A 247 16.24 -10.81 6.62
N ALA A 248 15.86 -10.85 5.35
CA ALA A 248 16.57 -10.09 4.32
C ALA A 248 16.45 -8.58 4.59
N LEU A 249 15.31 -8.16 5.09
CA LEU A 249 15.12 -6.76 5.44
C LEU A 249 16.10 -6.40 6.55
N GLU A 250 16.28 -7.32 7.50
CA GLU A 250 17.19 -7.09 8.62
C GLU A 250 18.61 -6.81 8.12
N LEU A 251 19.12 -7.69 7.27
CA LEU A 251 20.46 -7.50 6.68
C LEU A 251 20.58 -6.14 6.03
N VAL A 252 19.55 -5.73 5.28
CA VAL A 252 19.61 -4.44 4.60
C VAL A 252 19.78 -3.31 5.61
N LEU A 253 18.96 -3.33 6.66
CA LEU A 253 19.01 -2.32 7.69
C LEU A 253 20.38 -2.26 8.38
N ARG A 254 20.86 -3.44 8.77
CA ARG A 254 22.16 -3.54 9.42
C ARG A 254 23.29 -3.03 8.50
N GLU A 255 23.20 -3.34 7.20
CA GLU A 255 24.21 -2.85 6.27
C GLU A 255 24.24 -1.33 6.11
N ILE A 256 23.13 -0.65 6.33
CA ILE A 256 23.13 0.79 6.14
C ILE A 256 23.28 1.54 7.47
N GLY A 257 23.48 0.78 8.55
CA GLY A 257 23.97 1.35 9.79
C GLY A 257 23.04 1.36 10.96
N TYR A 258 22.05 0.47 10.98
CA TYR A 258 21.11 0.42 12.11
C TYR A 258 21.65 -0.46 13.23
N SER A 259 21.48 0.04 14.45
CA SER A 259 21.95 -0.63 15.65
C SER A 259 21.24 -1.94 15.82
N GLU A 260 21.84 -2.86 16.55
CA GLU A 260 21.21 -4.15 16.72
C GLU A 260 19.89 -3.98 17.46
N GLU A 261 19.82 -2.95 18.29
CA GLU A 261 18.58 -2.63 18.97
C GLU A 261 17.49 -2.32 17.96
N ALA A 262 17.82 -1.47 16.97
CA ALA A 262 16.86 -1.10 15.93
C ALA A 262 16.41 -2.30 15.13
N VAL A 263 17.39 -2.99 14.54
CA VAL A 263 17.13 -4.12 13.65
C VAL A 263 16.21 -5.14 14.28
N SER A 264 16.37 -5.38 15.59
CA SER A 264 15.56 -6.35 16.33
C SER A 264 14.04 -6.12 16.26
N LEU A 265 13.61 -4.89 15.95
CA LEU A 265 12.19 -4.60 15.80
C LEU A 265 11.52 -5.36 14.63
N VAL A 266 12.30 -5.75 13.62
CA VAL A 266 11.74 -6.46 12.46
C VAL A 266 11.04 -7.78 12.83
N GLU A 267 11.61 -8.53 13.77
CA GLU A 267 11.01 -9.80 14.19
C GLU A 267 9.66 -9.56 14.84
N GLY A 268 9.46 -8.33 15.33
CA GLY A 268 8.22 -7.91 15.96
C GLY A 268 7.08 -7.76 14.96
N ILE A 269 7.42 -7.54 13.69
CA ILE A 269 6.38 -7.54 12.64
C ILE A 269 6.38 -8.87 11.83
N ASN A 270 7.49 -9.59 11.82
CA ASN A 270 7.48 -10.92 11.23
C ASN A 270 6.66 -11.92 12.08
N HIS A 271 6.70 -11.74 13.39
CA HIS A 271 5.93 -12.62 14.28
C HIS A 271 4.94 -11.78 15.08
N THR A 272 3.68 -11.87 14.70
CA THR A 272 2.64 -10.99 15.23
C THR A 272 1.48 -11.75 15.84
N HIS A 273 0.78 -11.06 16.73
CA HIS A 273 -0.44 -11.61 17.32
C HIS A 273 -1.58 -10.66 17.01
N HIS A 274 -2.73 -11.24 16.70
CA HIS A 274 -3.85 -10.45 16.25
C HIS A 274 -5.08 -10.83 17.05
N VAL A 275 -5.89 -9.82 17.38
CA VAL A 275 -7.21 -10.08 17.91
C VAL A 275 -8.24 -9.84 16.82
N TYR A 276 -9.07 -10.84 16.55
CA TYR A 276 -10.19 -10.69 15.64
C TYR A 276 -11.42 -11.13 16.42
N ARG A 277 -12.34 -10.20 16.62
CA ARG A 277 -13.53 -10.41 17.45
C ARG A 277 -13.17 -10.97 18.83
N ASN A 278 -13.58 -12.20 19.12
CA ASN A 278 -13.35 -12.78 20.44
C ASN A 278 -12.23 -13.84 20.46
N LYS A 279 -11.33 -13.78 19.50
CA LYS A 279 -10.24 -14.75 19.40
C LYS A 279 -8.89 -14.07 19.31
N THR A 280 -7.84 -14.84 19.57
CA THR A 280 -6.47 -14.36 19.39
C THR A 280 -5.79 -15.35 18.48
N TYR A 281 -4.98 -14.85 17.55
CA TYR A 281 -4.23 -15.77 16.71
C TYR A 281 -2.84 -15.24 16.47
N CYS A 282 -1.97 -16.14 16.02
CA CYS A 282 -0.55 -15.85 15.81
C CYS A 282 -0.16 -16.07 14.35
N VAL A 283 0.42 -15.05 13.76
CA VAL A 283 0.83 -15.12 12.37
C VAL A 283 2.34 -15.05 12.29
N LEU A 284 2.95 -16.09 11.74
CA LEU A 284 4.38 -16.09 11.53
C LEU A 284 4.68 -15.87 10.05
N GLY A 285 5.49 -14.86 9.75
CA GLY A 285 5.63 -14.39 8.37
C GLY A 285 4.45 -13.49 8.06
N GLY A 286 4.45 -12.85 6.89
CA GLY A 286 3.41 -11.88 6.55
C GLY A 286 3.59 -10.47 7.10
N MET A 287 3.34 -9.48 6.26
CA MET A 287 3.38 -8.08 6.70
C MET A 287 2.09 -7.75 7.41
N PRO A 288 2.18 -7.34 8.68
CA PRO A 288 0.92 -6.97 9.32
C PRO A 288 0.45 -5.62 8.75
N SER A 289 -0.27 -5.68 7.63
CA SER A 289 -0.63 -4.47 6.87
C SER A 289 -1.45 -3.52 7.72
N GLY A 290 -0.84 -2.42 8.14
CA GLY A 290 -1.46 -1.57 9.14
C GLY A 290 -0.47 -1.21 10.24
N CYS A 291 0.70 -1.83 10.19
CA CYS A 291 1.78 -1.45 11.10
C CYS A 291 2.42 -0.22 10.51
N SER A 292 3.16 0.55 11.32
CA SER A 292 3.90 1.66 10.76
C SER A 292 4.99 1.14 9.83
N GLY A 293 5.20 1.85 8.72
CA GLY A 293 6.20 1.45 7.74
C GLY A 293 5.70 0.47 6.69
N THR A 294 4.39 0.20 6.67
CA THR A 294 3.84 -0.82 5.80
C THR A 294 4.23 -0.60 4.34
N SER A 295 3.83 0.53 3.77
CA SER A 295 4.17 0.87 2.40
C SER A 295 5.68 0.77 2.13
N ILE A 296 6.45 1.26 3.08
CA ILE A 296 7.88 1.35 2.83
C ILE A 296 8.55 -0.03 2.91
N PHE A 297 8.25 -0.79 3.97
CA PHE A 297 8.83 -2.12 4.14
C PHE A 297 8.35 -3.05 3.03
N ASN A 298 7.08 -2.95 2.69
CA ASN A 298 6.61 -3.66 1.52
C ASN A 298 7.46 -3.33 0.31
N SER A 299 7.87 -2.07 0.18
CA SER A 299 8.58 -1.67 -1.02
C SER A 299 10.01 -2.14 -0.99
N MET A 300 10.64 -2.08 0.19
CA MET A 300 12.03 -2.52 0.35
C MET A 300 12.13 -4.03 0.14
N ILE A 301 11.24 -4.78 0.80
CA ILE A 301 11.18 -6.21 0.60
C ILE A 301 10.95 -6.53 -0.88
N ASN A 302 10.18 -5.69 -1.56
CA ASN A 302 9.97 -5.85 -2.99
C ASN A 302 11.26 -5.69 -3.80
N ASN A 303 12.09 -4.72 -3.43
CA ASN A 303 13.37 -4.53 -4.09
C ASN A 303 14.29 -5.74 -3.92
N ILE A 304 14.32 -6.31 -2.72
CA ILE A 304 15.10 -7.51 -2.52
C ILE A 304 14.55 -8.64 -3.37
N ILE A 305 13.24 -8.83 -3.35
CA ILE A 305 12.63 -9.91 -4.12
C ILE A 305 13.02 -9.90 -5.59
N ILE A 306 12.74 -8.80 -6.29
CA ILE A 306 13.01 -8.72 -7.72
C ILE A 306 14.44 -9.08 -8.04
N ARG A 307 15.37 -8.54 -7.24
CA ARG A 307 16.80 -8.82 -7.45
C ARG A 307 17.10 -10.29 -7.27
N ALA A 308 16.57 -10.87 -6.21
CA ALA A 308 16.78 -12.28 -5.91
C ALA A 308 16.24 -13.15 -7.03
N LEU A 309 15.05 -12.82 -7.56
CA LEU A 309 14.45 -13.65 -8.61
C LEU A 309 15.22 -13.50 -9.91
N LEU A 310 15.73 -12.32 -10.19
CA LEU A 310 16.49 -12.13 -11.40
C LEU A 310 17.73 -13.02 -11.43
N ILE A 311 18.51 -13.00 -10.37
CA ILE A 311 19.81 -13.65 -10.45
C ILE A 311 19.68 -15.16 -10.23
N LYS A 312 18.53 -15.59 -9.72
CA LYS A 312 18.27 -17.02 -9.58
C LYS A 312 17.59 -17.60 -10.83
N THR A 313 17.03 -16.74 -11.67
CA THR A 313 16.25 -17.23 -12.80
C THR A 313 17.06 -17.10 -14.08
N PHE A 314 17.93 -16.10 -14.14
CA PHE A 314 18.68 -15.86 -15.36
C PHE A 314 20.18 -15.82 -15.14
N LYS A 315 20.90 -16.21 -16.19
CA LYS A 315 22.35 -16.24 -16.19
C LYS A 315 22.90 -14.87 -16.58
N GLY A 316 23.95 -14.45 -15.89
CA GLY A 316 24.63 -13.21 -16.25
C GLY A 316 23.80 -11.95 -16.14
N ILE A 317 22.95 -11.92 -15.11
CA ILE A 317 22.22 -10.72 -14.77
C ILE A 317 23.17 -9.78 -14.06
N ASP A 318 23.23 -8.53 -14.51
CA ASP A 318 23.97 -7.51 -13.78
C ASP A 318 22.98 -6.63 -13.01
N LEU A 319 22.94 -6.76 -11.69
CA LEU A 319 21.99 -5.98 -10.91
C LEU A 319 22.17 -4.46 -11.03
N ASP A 320 23.35 -4.01 -11.48
CA ASP A 320 23.57 -2.56 -11.60
C ASP A 320 22.78 -1.98 -12.77
N GLU A 321 22.31 -2.83 -13.67
CA GLU A 321 21.56 -2.36 -14.82
C GLU A 321 20.06 -2.51 -14.58
N LEU A 322 19.71 -2.89 -13.36
CA LEU A 322 18.31 -2.89 -12.97
C LEU A 322 17.89 -1.49 -12.58
N ASN A 323 16.74 -1.07 -13.10
CA ASN A 323 16.05 0.09 -12.62
C ASN A 323 14.67 -0.34 -12.27
N MET A 324 14.29 -0.10 -11.03
CA MET A 324 12.92 -0.37 -10.61
C MET A 324 12.40 0.64 -9.59
N VAL A 325 11.10 0.86 -9.67
CA VAL A 325 10.39 1.62 -8.67
C VAL A 325 9.25 0.73 -8.13
N ALA A 326 9.04 0.77 -6.82
CA ALA A 326 7.99 -0.05 -6.22
C ALA A 326 7.09 0.80 -5.32
N TYR A 327 5.78 0.52 -5.34
CA TYR A 327 4.86 1.06 -4.36
C TYR A 327 4.19 -0.13 -3.73
N GLY A 328 4.69 -0.58 -2.58
CA GLY A 328 4.16 -1.77 -1.97
C GLY A 328 4.50 -2.99 -2.81
N ASP A 329 3.51 -3.67 -3.35
CA ASP A 329 3.79 -4.77 -4.27
C ASP A 329 3.76 -4.34 -5.76
N ASP A 330 3.39 -3.09 -6.05
CA ASP A 330 3.40 -2.59 -7.43
C ASP A 330 4.82 -2.41 -7.93
N VAL A 331 5.07 -2.83 -9.16
CA VAL A 331 6.41 -2.80 -9.72
C VAL A 331 6.39 -2.27 -11.14
N LEU A 332 7.13 -1.19 -11.38
CA LEU A 332 7.56 -0.87 -12.73
C LEU A 332 9.07 -0.93 -12.76
N ALA A 333 9.62 -1.55 -13.79
CA ALA A 333 11.05 -1.77 -13.82
C ALA A 333 11.58 -1.84 -15.24
N SER A 334 12.88 -1.62 -15.37
CA SER A 334 13.50 -1.71 -16.67
C SER A 334 14.86 -2.40 -16.59
N TYR A 335 15.31 -2.87 -17.74
CA TYR A 335 16.57 -3.59 -17.87
C TYR A 335 17.00 -3.45 -19.32
N PRO A 336 18.31 -3.53 -19.57
CA PRO A 336 18.85 -3.39 -20.93
C PRO A 336 18.34 -4.43 -21.95
N PHE A 337 17.81 -5.56 -21.47
CA PHE A 337 17.28 -6.60 -22.35
C PHE A 337 15.94 -7.06 -21.79
N PRO A 338 15.06 -7.56 -22.67
CA PRO A 338 13.73 -8.05 -22.25
C PRO A 338 13.79 -9.12 -21.16
N ILE A 339 12.93 -8.98 -20.15
CA ILE A 339 12.89 -9.88 -19.03
C ILE A 339 11.64 -10.72 -19.14
N ASP A 340 11.80 -12.03 -19.07
CA ASP A 340 10.66 -12.92 -19.17
C ASP A 340 10.00 -13.04 -17.82
N CYS A 341 8.90 -12.31 -17.63
CA CYS A 341 8.24 -12.30 -16.35
C CYS A 341 7.62 -13.65 -16.00
N LEU A 342 7.22 -14.42 -17.00
CA LEU A 342 6.73 -15.78 -16.77
C LEU A 342 7.75 -16.64 -15.99
N GLU A 343 9.03 -16.53 -16.33
CA GLU A 343 10.03 -17.30 -15.60
C GLU A 343 10.31 -16.74 -14.20
N LEU A 344 10.30 -15.42 -14.05
CA LEU A 344 10.43 -14.82 -12.72
C LEU A 344 9.31 -15.29 -11.82
N ALA A 345 8.11 -15.32 -12.38
CA ALA A 345 6.92 -15.75 -11.65
C ALA A 345 7.05 -17.20 -11.18
N ARG A 346 7.69 -18.03 -12.00
CA ARG A 346 7.83 -19.45 -11.67
C ARG A 346 8.71 -19.54 -10.42
N THR A 347 9.80 -18.82 -10.45
CA THR A 347 10.74 -18.78 -9.33
C THR A 347 10.12 -18.15 -8.09
N GLY A 348 9.23 -17.17 -8.29
CA GLY A 348 8.53 -16.56 -7.18
C GLY A 348 7.60 -17.53 -6.48
N LYS A 349 7.03 -18.44 -7.27
CA LYS A 349 6.21 -19.50 -6.72
C LYS A 349 6.98 -20.37 -5.72
N GLU A 350 8.26 -20.63 -5.98
CA GLU A 350 9.03 -21.49 -5.08
C GLU A 350 9.16 -20.84 -3.71
N TYR A 351 9.25 -19.51 -3.69
CA TYR A 351 9.39 -18.77 -2.44
C TYR A 351 8.04 -18.46 -1.79
N GLY A 352 6.95 -18.93 -2.39
CA GLY A 352 5.64 -18.68 -1.82
C GLY A 352 4.89 -17.47 -2.37
N LEU A 353 5.45 -16.86 -3.42
CA LEU A 353 4.89 -15.63 -4.00
C LEU A 353 4.07 -15.89 -5.25
N THR A 354 2.90 -15.27 -5.33
CA THR A 354 2.08 -15.34 -6.55
C THR A 354 2.15 -14.02 -7.34
N MET A 355 2.96 -14.03 -8.39
CA MET A 355 3.18 -12.83 -9.19
C MET A 355 2.27 -12.85 -10.43
N THR A 356 1.66 -11.72 -10.75
CA THR A 356 0.68 -11.63 -11.86
C THR A 356 1.01 -10.46 -12.78
N PRO A 357 0.38 -10.40 -13.97
CA PRO A 357 0.52 -9.18 -14.77
C PRO A 357 0.08 -7.94 -14.00
N ALA A 358 0.60 -6.78 -14.38
CA ALA A 358 0.35 -5.58 -13.59
C ALA A 358 -1.05 -5.04 -13.79
N ASP A 359 -1.76 -5.60 -14.78
CA ASP A 359 -3.15 -5.24 -15.00
C ASP A 359 -4.05 -6.43 -14.70
N LYS A 360 -3.48 -7.48 -14.14
CA LYS A 360 -4.21 -8.70 -13.82
C LYS A 360 -4.84 -9.31 -15.09
N SER A 361 -4.20 -9.02 -16.24
CA SER A 361 -4.32 -9.79 -17.48
C SER A 361 -4.11 -11.29 -17.19
N PRO A 362 -4.61 -12.20 -18.07
CA PRO A 362 -4.44 -13.64 -17.79
C PRO A 362 -3.03 -14.22 -18.04
N CYS A 363 -2.19 -13.45 -18.72
CA CYS A 363 -0.84 -13.89 -19.06
C CYS A 363 0.11 -12.71 -19.22
N PHE A 364 1.39 -13.00 -19.08
CA PHE A 364 2.42 -11.99 -19.27
C PHE A 364 2.67 -11.65 -20.74
N ASN A 365 2.40 -10.41 -21.13
CA ASN A 365 2.71 -10.01 -22.48
C ASN A 365 3.82 -9.00 -22.43
N GLU A 366 4.25 -8.56 -23.60
CA GLU A 366 5.23 -7.49 -23.73
C GLU A 366 4.73 -6.22 -23.01
N VAL A 367 5.58 -5.62 -22.18
CA VAL A 367 5.22 -4.35 -21.57
C VAL A 367 5.95 -3.20 -22.26
N ASN A 368 5.18 -2.17 -22.61
CA ASN A 368 5.76 -0.92 -23.13
C ASN A 368 4.99 0.29 -22.62
N TRP A 369 5.44 1.49 -22.97
CA TRP A 369 4.83 2.67 -22.38
C TRP A 369 3.38 2.83 -22.81
N ASP A 370 3.02 2.21 -23.93
CA ASP A 370 1.63 2.34 -24.39
C ASP A 370 0.67 1.44 -23.63
N ASN A 371 1.19 0.39 -23.01
CA ASN A 371 0.32 -0.50 -22.24
C ASN A 371 0.73 -0.66 -20.78
N ALA A 372 1.76 0.06 -20.35
CA ALA A 372 2.17 -0.02 -18.95
C ALA A 372 1.15 0.66 -18.03
N THR A 373 1.05 0.12 -16.82
CA THR A 373 0.29 0.74 -15.75
C THR A 373 1.13 0.74 -14.48
N PHE A 374 0.93 1.75 -13.66
CA PHE A 374 1.55 1.82 -12.35
C PHE A 374 0.51 2.57 -11.58
N LEU A 375 0.25 2.15 -10.35
CA LEU A 375 -0.78 2.73 -9.52
C LEU A 375 -2.11 2.92 -10.28
N LYS A 376 -2.48 1.88 -11.03
CA LYS A 376 -3.67 1.82 -11.91
C LYS A 376 -3.62 2.72 -13.16
N ARG A 377 -2.83 3.78 -13.12
CA ARG A 377 -2.79 4.72 -14.23
C ARG A 377 -1.87 4.25 -15.39
N GLY A 378 -2.18 4.65 -16.62
CA GLY A 378 -1.38 4.29 -17.78
C GLY A 378 -0.72 5.54 -18.29
N PHE A 379 0.19 5.45 -19.26
CA PHE A 379 1.06 6.56 -19.63
C PHE A 379 0.75 7.19 -21.00
N LEU A 380 0.23 8.42 -21.01
CA LEU A 380 -0.12 9.09 -22.26
C LEU A 380 0.67 10.38 -22.54
N PRO A 381 1.57 10.35 -23.54
CA PRO A 381 2.30 11.56 -23.90
C PRO A 381 1.32 12.65 -24.33
N ASP A 382 1.53 13.86 -23.83
CA ASP A 382 0.73 15.02 -24.19
C ASP A 382 0.93 15.39 -25.65
N GLU A 383 -0.17 15.63 -26.36
CA GLU A 383 -0.12 15.81 -27.82
C GLU A 383 0.62 17.06 -28.29
N GLN A 384 0.89 18.01 -27.38
CA GLN A 384 1.63 19.21 -27.74
C GLN A 384 3.10 19.11 -27.31
N PHE A 385 3.30 18.72 -26.06
CA PHE A 385 4.63 18.45 -25.54
C PHE A 385 4.74 16.96 -25.19
N PRO A 386 5.29 16.17 -26.13
CA PRO A 386 5.30 14.70 -25.99
C PRO A 386 6.19 14.21 -24.86
N PHE A 387 7.11 15.06 -24.39
CA PHE A 387 7.99 14.70 -23.29
C PHE A 387 7.31 14.94 -21.94
N LEU A 388 6.15 15.59 -21.97
CA LEU A 388 5.35 15.63 -20.77
C LEU A 388 4.38 14.46 -20.87
N ILE A 389 4.25 13.68 -19.79
CA ILE A 389 3.50 12.42 -19.83
C ILE A 389 2.30 12.42 -18.90
N HIS A 390 1.09 12.26 -19.47
CA HIS A 390 -0.13 12.18 -18.65
C HIS A 390 -0.27 10.85 -17.92
N PRO A 391 -0.49 10.90 -16.59
CA PRO A 391 -0.95 9.73 -15.84
C PRO A 391 -2.43 9.48 -16.11
N THR A 392 -2.75 8.36 -16.77
CA THR A 392 -4.14 8.15 -17.14
C THR A 392 -4.82 7.05 -16.34
N MET A 393 -5.62 7.49 -15.38
CA MET A 393 -6.60 6.65 -14.70
C MET A 393 -7.72 6.27 -15.67
N PRO A 394 -8.00 4.97 -15.81
CA PRO A 394 -9.05 4.57 -16.76
C PRO A 394 -10.41 5.13 -16.36
N MET A 395 -11.17 5.63 -17.33
CA MET A 395 -12.48 6.21 -17.05
C MET A 395 -13.36 5.23 -16.29
N LYS A 396 -13.27 3.96 -16.66
CA LYS A 396 -14.02 2.88 -16.03
C LYS A 396 -13.86 2.91 -14.51
N GLU A 397 -12.61 3.03 -14.05
CA GLU A 397 -12.31 3.16 -12.62
C GLU A 397 -12.96 4.40 -12.00
N ILE A 398 -12.88 5.53 -12.70
CA ILE A 398 -13.47 6.78 -12.25
C ILE A 398 -15.01 6.62 -12.14
N HIS A 399 -15.61 5.91 -13.09
CA HIS A 399 -17.05 5.60 -13.01
C HIS A 399 -17.40 4.79 -11.77
N GLU A 400 -16.59 3.78 -11.43
CA GLU A 400 -16.88 2.99 -10.25
C GLU A 400 -16.99 3.87 -9.00
N SER A 401 -16.09 4.83 -8.85
CA SER A 401 -16.05 5.68 -7.66
C SER A 401 -17.29 6.56 -7.47
N ILE A 402 -17.67 7.22 -8.56
CA ILE A 402 -18.70 8.23 -8.56
C ILE A 402 -20.12 7.63 -8.34
N ARG A 403 -20.25 6.31 -8.42
CA ARG A 403 -21.56 5.71 -8.29
C ARG A 403 -21.97 5.47 -6.83
N TRP A 404 -21.03 5.64 -5.91
CA TRP A 404 -21.32 5.37 -4.52
C TRP A 404 -20.90 6.57 -3.69
N THR A 405 -21.27 6.58 -2.41
CA THR A 405 -20.86 7.65 -1.51
C THR A 405 -21.05 7.14 -0.09
N LYS A 406 -20.28 7.69 0.85
CA LYS A 406 -20.42 7.33 2.25
C LYS A 406 -21.11 8.46 2.97
N ASP A 407 -21.32 9.55 2.24
CA ASP A 407 -21.96 10.75 2.76
C ASP A 407 -22.15 11.72 1.60
N ALA A 408 -23.39 12.00 1.21
CA ALA A 408 -23.64 12.81 0.01
C ALA A 408 -23.30 14.25 0.28
N ARG A 409 -23.04 14.54 1.55
CA ARG A 409 -22.52 15.85 1.92
C ARG A 409 -21.21 16.18 1.22
N ASN A 410 -20.49 15.21 0.64
CA ASN A 410 -19.27 15.65 0.03
C ASN A 410 -19.24 15.30 -1.45
N THR A 411 -20.45 15.31 -2.03
CA THR A 411 -20.59 15.17 -3.47
C THR A 411 -19.70 16.12 -4.29
N GLN A 412 -19.62 17.38 -3.90
CA GLN A 412 -18.88 18.35 -4.70
C GLN A 412 -17.38 18.06 -4.64
N ASP A 413 -16.90 17.60 -3.49
CA ASP A 413 -15.48 17.28 -3.34
C ASP A 413 -15.14 15.97 -4.05
N HIS A 414 -16.00 14.99 -3.84
CA HIS A 414 -15.87 13.73 -4.53
C HIS A 414 -15.77 13.96 -6.05
N VAL A 415 -16.74 14.66 -6.62
CA VAL A 415 -16.80 14.84 -8.07
C VAL A 415 -15.61 15.67 -8.56
N ARG A 416 -15.25 16.70 -7.81
CA ARG A 416 -14.14 17.53 -8.26
C ARG A 416 -12.85 16.70 -8.28
N SER A 417 -12.65 15.86 -7.26
CA SER A 417 -11.43 15.04 -7.20
C SER A 417 -11.33 14.08 -8.38
N LEU A 418 -12.44 13.41 -8.69
CA LEU A 418 -12.53 12.56 -9.87
C LEU A 418 -12.18 13.33 -11.13
N CYS A 419 -12.76 14.53 -11.27
CA CYS A 419 -12.44 15.40 -12.40
C CYS A 419 -10.94 15.65 -12.52
N LEU A 420 -10.27 15.92 -11.40
CA LEU A 420 -8.83 16.08 -11.46
C LEU A 420 -8.13 14.82 -11.95
N LEU A 421 -8.75 13.65 -11.79
CA LEU A 421 -8.18 12.42 -12.32
C LEU A 421 -8.52 12.25 -13.80
N ALA A 422 -9.75 12.56 -14.16
CA ALA A 422 -10.29 12.16 -15.46
C ALA A 422 -9.72 12.96 -16.65
N TRP A 423 -9.31 14.21 -16.42
CA TRP A 423 -9.00 15.09 -17.53
C TRP A 423 -7.76 14.68 -18.30
N HIS A 424 -6.92 13.89 -17.66
CA HIS A 424 -5.72 13.37 -18.28
C HIS A 424 -6.05 12.48 -19.46
N ASN A 425 -7.24 11.89 -19.43
CA ASN A 425 -7.66 11.03 -20.51
C ASN A 425 -8.04 11.84 -21.74
N GLY A 426 -7.95 13.16 -21.63
CA GLY A 426 -8.09 14.03 -22.77
C GLY A 426 -9.41 14.77 -22.87
N LYS A 427 -9.41 15.84 -23.67
CA LYS A 427 -10.56 16.72 -23.86
C LYS A 427 -11.87 16.00 -24.20
N GLN A 428 -11.84 15.11 -25.19
CA GLN A 428 -13.07 14.50 -25.65
C GLN A 428 -13.67 13.62 -24.55
N GLU A 429 -12.84 12.81 -23.91
CA GLU A 429 -13.29 11.98 -22.79
C GLU A 429 -13.77 12.79 -21.60
N TYR A 430 -13.09 13.90 -21.30
CA TYR A 430 -13.46 14.73 -20.15
C TYR A 430 -14.86 15.34 -20.31
N GLU A 431 -15.13 15.91 -21.48
CA GLU A 431 -16.43 16.52 -21.72
C GLU A 431 -17.50 15.45 -21.78
N LYS A 432 -17.16 14.25 -22.21
CA LYS A 432 -18.12 13.15 -22.15
C LYS A 432 -18.52 12.90 -20.68
N PHE A 433 -17.53 12.91 -19.80
CA PHE A 433 -17.74 12.70 -18.36
C PHE A 433 -18.56 13.83 -17.73
N VAL A 434 -18.15 15.07 -18.01
CA VAL A 434 -18.83 16.25 -17.48
C VAL A 434 -20.28 16.29 -17.91
N SER A 435 -20.50 16.05 -19.21
CA SER A 435 -21.86 15.90 -19.77
C SER A 435 -22.75 14.96 -18.96
N ALA A 436 -22.25 13.76 -18.70
CA ALA A 436 -23.03 12.79 -17.96
C ALA A 436 -23.39 13.32 -16.55
N ILE A 437 -22.41 13.92 -15.88
CA ILE A 437 -22.63 14.47 -14.56
C ILE A 437 -23.76 15.51 -14.57
N ARG A 438 -23.75 16.39 -15.58
CA ARG A 438 -24.76 17.45 -15.74
C ARG A 438 -26.16 16.94 -16.13
N SER A 439 -26.27 15.67 -16.50
CA SER A 439 -27.53 15.17 -17.04
C SER A 439 -28.48 14.82 -15.91
N VAL A 440 -28.11 15.23 -14.71
CA VAL A 440 -28.81 14.90 -13.48
C VAL A 440 -28.82 16.18 -12.61
N PRO A 441 -29.95 16.46 -11.92
CA PRO A 441 -30.16 17.73 -11.20
C PRO A 441 -29.01 18.17 -10.28
N VAL A 442 -28.49 17.28 -9.46
CA VAL A 442 -27.39 17.61 -8.55
C VAL A 442 -26.12 18.01 -9.33
N GLY A 443 -25.89 17.34 -10.46
CA GLY A 443 -24.76 17.63 -11.33
C GLY A 443 -24.75 19.06 -11.86
N LYS A 444 -25.94 19.64 -12.07
CA LYS A 444 -26.04 21.01 -12.52
C LYS A 444 -25.76 22.01 -11.37
N ALA A 445 -25.75 21.52 -10.13
CA ALA A 445 -25.36 22.39 -9.00
C ALA A 445 -23.86 22.36 -8.73
N LEU A 446 -23.14 21.50 -9.44
CA LEU A 446 -21.74 21.22 -9.10
C LEU A 446 -20.74 22.10 -9.84
N ALA A 447 -19.77 22.61 -9.08
CA ALA A 447 -18.63 23.32 -9.66
C ALA A 447 -17.66 22.34 -10.29
N ILE A 448 -17.63 22.32 -11.61
CA ILE A 448 -16.74 21.42 -12.33
C ILE A 448 -15.62 22.20 -12.99
N PRO A 449 -14.37 21.82 -12.66
CA PRO A 449 -13.17 22.50 -13.20
C PRO A 449 -13.19 22.51 -14.72
N ASN A 450 -12.74 23.61 -15.29
CA ASN A 450 -12.74 23.73 -16.72
C ASN A 450 -11.51 23.05 -17.33
N TYR A 451 -11.70 22.26 -18.37
CA TYR A 451 -10.57 21.51 -18.98
C TYR A 451 -9.33 22.36 -19.25
N GLU A 452 -9.56 23.54 -19.82
CA GLU A 452 -8.48 24.44 -20.21
C GLU A 452 -7.61 24.87 -19.03
N ASN A 453 -8.25 25.19 -17.92
CA ASN A 453 -7.52 25.59 -16.72
C ASN A 453 -6.76 24.43 -16.15
N LEU A 454 -7.38 23.25 -16.15
CA LEU A 454 -6.73 22.06 -15.64
C LEU A 454 -5.41 21.87 -16.38
N ARG A 455 -5.48 21.89 -17.72
CA ARG A 455 -4.28 21.68 -18.51
C ARG A 455 -3.23 22.78 -18.30
N ARG A 456 -3.69 24.03 -18.19
CA ARG A 456 -2.79 25.15 -17.94
C ARG A 456 -2.10 24.99 -16.60
N ASN A 457 -2.83 24.58 -15.57
CA ASN A 457 -2.20 24.44 -14.26
C ASN A 457 -1.25 23.26 -14.23
N TRP A 458 -1.57 22.23 -15.01
CA TRP A 458 -0.67 21.10 -15.14
C TRP A 458 0.63 21.56 -15.78
N LEU A 459 0.55 22.25 -16.91
CA LEU A 459 1.76 22.65 -17.67
C LEU A 459 2.71 23.44 -16.79
N GLU A 460 2.14 24.29 -15.94
CA GLU A 460 2.91 25.20 -15.08
C GLU A 460 3.62 24.49 -13.95
N LEU A 461 3.22 23.25 -13.69
CA LEU A 461 3.93 22.45 -12.69
C LEU A 461 5.35 22.22 -13.17
N PHE A 462 5.54 22.37 -14.48
CA PHE A 462 6.84 22.16 -15.08
C PHE A 462 7.56 23.47 -15.34
MG MG D . -1.75 -7.29 -4.93
MG MG E . -0.67 -3.68 -6.19
ZN ZN F . 3.03 -15.94 18.23
S SO4 G . -10.98 -5.88 -6.89
O1 SO4 G . -10.20 -4.66 -6.68
O2 SO4 G . -11.26 -6.05 -8.31
O3 SO4 G . -10.22 -7.03 -6.40
O4 SO4 G . -12.23 -5.79 -6.15
S SO4 H . 7.81 13.73 -7.95
O1 SO4 H . 8.09 14.63 -6.83
O2 SO4 H . 7.45 14.45 -9.17
O3 SO4 H . 9.02 12.97 -8.22
O4 SO4 H . 6.67 12.90 -7.59
C1 GOL I . -0.32 7.45 -5.86
O1 GOL I . -1.72 7.62 -5.74
C2 GOL I . 0.41 7.78 -4.55
O2 GOL I . -0.40 8.63 -3.77
C3 GOL I . 1.67 8.57 -4.89
O3 GOL I . 2.39 8.88 -3.73
P1 POP J . -3.47 -7.96 -2.32
O1 POP J . -3.11 -7.88 -0.88
O2 POP J . -2.18 -8.12 -3.06
O3 POP J . -4.04 -6.65 -2.77
O POP J . -4.64 -9.05 -2.55
P2 POP J . -6.11 -9.17 -1.82
O4 POP J . -7.31 -9.04 -2.77
O5 POP J . -6.35 -10.51 -1.13
O6 POP J . -6.29 -8.05 -0.79
#